data_1HBT
#
_entry.id   1HBT
#
_cell.length_a   70.600
_cell.length_b   72.200
_cell.length_c   72.800
_cell.angle_alpha   90.00
_cell.angle_beta   100.40
_cell.angle_gamma   90.00
#
_symmetry.space_group_name_H-M   'C 1 2 1'
#
loop_
_entity.id
_entity.type
_entity.pdbx_description
1 polymer 'ALPHA-THROMBIN (SMALL SUBUNIT)'
2 polymer 'ALPHA-THROMBIN (LARGE SUBUNIT)'
3 polymer 'P596 Inhibitor peptide'
4 water water
#
loop_
_entity_poly.entity_id
_entity_poly.type
_entity_poly.pdbx_seq_one_letter_code
_entity_poly.pdbx_strand_id
1 'polypeptide(L)' TFGSGEADCGLRPLFEKKSLEDKTERELLESYIDGR L
2 'polypeptide(L)'
;IVEGSDAEIGMSPWQVMLFRKSPQELLCGASLISDRWVLTAAHCLLYPPWDKNFTENDLLVRIGKHSRTRYERNIEKISM
LEKIYIHPRYNWRENLDRDIALMKLKKPVAFSDYIHPVCLPDRETAASLLQAGYKGRVTGWGNLKETWTANVGKGQPSVL
QVVNLPIVERPVCKDSTRIRITDNMFCAGYKPDEGKRGDACEGDSGGPFVMKSPFNNRWYQMGIVSWGEGCDRDGKYGFY
THVFRLKKWIQKVIDQFGE
;
H
3 'polypeptide(L)' (ZAL)P(AR0)GGGGDYEPIPEEA(ALC)(DGL) I
#
# COMPACT_ATOMS: atom_id res chain seq x y z
N ALA A 7 7.62 15.98 -7.76
CA ALA A 7 8.60 17.08 -7.54
C ALA A 7 9.18 16.97 -6.13
N ASP A 8 8.33 17.13 -5.11
CA ASP A 8 8.76 16.98 -3.72
C ASP A 8 8.31 15.61 -3.20
N CYS A 9 8.01 14.70 -4.14
CA CYS A 9 7.55 13.36 -3.78
C CYS A 9 8.54 12.59 -2.95
N GLY A 10 8.02 11.77 -2.04
CA GLY A 10 8.85 10.91 -1.24
C GLY A 10 9.71 11.52 -0.17
N LEU A 11 9.58 12.82 0.07
CA LEU A 11 10.35 13.50 1.12
C LEU A 11 9.33 13.87 2.19
N ARG A 12 9.41 13.22 3.34
CA ARG A 12 8.44 13.47 4.40
C ARG A 12 8.68 14.74 5.22
N PRO A 13 7.64 15.57 5.38
CA PRO A 13 7.74 16.82 6.15
C PRO A 13 8.32 16.62 7.54
N LEU A 14 7.91 15.58 8.25
CA LEU A 14 8.41 15.33 9.61
C LEU A 14 9.71 14.54 9.73
N PHE A 15 10.27 14.10 8.60
CA PHE A 15 11.51 13.35 8.65
C PHE A 15 12.57 13.88 7.68
N GLU A 16 12.51 13.51 6.40
CA GLU A 16 13.50 13.97 5.45
C GLU A 16 13.63 15.49 5.42
N LYS A 17 12.51 16.19 5.44
CA LYS A 17 12.57 17.64 5.38
C LYS A 17 13.19 18.33 6.61
N LYS A 18 13.27 17.62 7.73
CA LYS A 18 13.86 18.12 8.96
C LYS A 18 15.17 17.40 9.25
N SER A 19 15.55 16.50 8.36
CA SER A 19 16.77 15.72 8.54
C SER A 19 16.64 14.84 9.79
N LEU A 20 15.45 14.30 10.01
CA LEU A 20 15.22 13.42 11.13
C LEU A 20 14.87 12.06 10.54
N GLU A 21 15.38 11.00 11.13
CA GLU A 21 15.02 9.71 10.58
C GLU A 21 14.13 8.91 11.51
N ASP A 22 13.30 8.05 10.93
CA ASP A 22 12.39 7.23 11.73
C ASP A 22 13.14 6.06 12.36
N LYS A 23 12.49 5.45 13.33
CA LYS A 23 13.07 4.36 14.08
C LYS A 23 13.57 3.12 13.36
N THR A 24 13.09 2.84 12.16
CA THR A 24 13.58 1.63 11.51
C THR A 24 14.09 1.79 10.08
N GLU A 25 14.18 3.01 9.58
CA GLU A 25 14.62 3.18 8.19
C GLU A 25 16.04 2.72 7.95
N ARG A 26 16.86 2.69 9.00
CA ARG A 26 18.24 2.24 8.86
C ARG A 26 18.30 0.78 8.43
N GLU A 27 17.37 -0.02 8.93
CA GLU A 27 17.30 -1.45 8.60
C GLU A 27 17.16 -1.60 7.08
N LEU A 28 16.42 -0.70 6.43
CA LEU A 28 16.24 -0.76 4.98
C LEU A 28 17.54 -0.43 4.28
N LEU A 29 18.13 0.71 4.64
CA LEU A 29 19.39 1.12 4.01
C LEU A 29 20.50 0.11 4.22
N GLU A 30 20.57 -0.48 5.40
CA GLU A 30 21.59 -1.47 5.66
C GLU A 30 21.41 -2.73 4.80
N SER A 31 20.23 -2.93 4.25
CA SER A 31 20.02 -4.11 3.42
C SER A 31 20.37 -3.88 1.95
N TYR A 32 20.58 -2.62 1.59
CA TYR A 32 20.90 -2.30 0.19
C TYR A 32 22.39 -2.42 -0.01
N ILE A 33 22.90 -3.64 0.11
CA ILE A 33 24.33 -3.89 -0.05
C ILE A 33 24.76 -3.92 -1.52
N ILE B 1 -1.38 -6.10 9.34
CA ILE B 1 0.07 -6.35 9.41
C ILE B 1 0.33 -7.29 10.59
N VAL B 2 1.09 -8.35 10.34
CA VAL B 2 1.43 -9.34 11.37
C VAL B 2 2.87 -9.13 11.77
N GLU B 3 3.09 -9.04 13.08
CA GLU B 3 4.40 -8.85 13.65
C GLU B 3 5.02 -7.51 13.30
N GLY B 4 4.18 -6.49 13.16
CA GLY B 4 4.68 -5.14 12.88
C GLY B 4 4.64 -4.31 14.16
N SER B 5 4.67 -2.99 14.04
CA SER B 5 4.63 -2.14 15.22
C SER B 5 3.88 -0.89 14.87
N ASP B 6 3.43 -0.14 15.88
CA ASP B 6 2.72 1.11 15.63
C ASP B 6 3.63 2.03 14.83
N ALA B 7 3.06 2.66 13.82
CA ALA B 7 3.81 3.60 13.01
C ALA B 7 4.01 4.89 13.81
N GLU B 8 5.07 5.62 13.49
CA GLU B 8 5.32 6.90 14.14
C GLU B 8 4.42 7.89 13.41
N ILE B 9 4.10 9.00 14.04
CA ILE B 9 3.25 10.02 13.42
C ILE B 9 3.99 10.60 12.19
N GLY B 10 3.28 10.70 11.07
CA GLY B 10 3.84 11.23 9.82
C GLY B 10 4.87 10.37 9.12
N MET B 11 5.00 9.12 9.57
CA MET B 11 5.97 8.18 9.01
C MET B 11 5.58 7.69 7.61
N SER B 12 4.29 7.73 7.31
CA SER B 12 3.78 7.24 6.05
C SER B 12 2.68 8.18 5.58
N PRO B 13 3.05 9.44 5.27
CA PRO B 13 2.11 10.47 4.83
C PRO B 13 1.36 10.19 3.52
N TRP B 14 1.80 9.18 2.75
CA TRP B 14 1.11 8.84 1.50
C TRP B 14 0.06 7.75 1.77
N GLN B 15 -0.01 7.25 3.01
CA GLN B 15 -0.96 6.20 3.32
C GLN B 15 -2.39 6.68 3.24
N VAL B 16 -3.19 5.94 2.50
CA VAL B 16 -4.59 6.29 2.32
C VAL B 16 -5.50 5.14 2.74
N MET B 17 -6.64 5.48 3.33
CA MET B 17 -7.64 4.47 3.74
C MET B 17 -8.83 4.50 2.78
N LEU B 18 -9.19 3.34 2.22
CA LEU B 18 -10.34 3.22 1.31
C LEU B 18 -11.50 2.84 2.23
N PHE B 19 -12.47 3.75 2.38
CA PHE B 19 -13.58 3.56 3.30
C PHE B 19 -14.96 3.45 2.64
N ARG B 20 -15.73 2.46 3.07
CA ARG B 20 -17.07 2.26 2.53
C ARG B 20 -18.04 3.19 3.29
N LYS B 21 -18.89 3.90 2.55
CA LYS B 21 -19.84 4.83 3.15
C LYS B 21 -20.87 4.12 4.02
N SER B 22 -21.50 3.08 3.50
CA SER B 22 -22.51 2.34 4.23
C SER B 22 -22.58 0.88 3.78
N PRO B 23 -22.30 -0.07 4.69
CA PRO B 23 -21.92 0.15 6.09
C PRO B 23 -20.54 0.79 6.15
N GLN B 24 -20.27 1.55 7.20
CA GLN B 24 -18.96 2.17 7.36
C GLN B 24 -17.97 1.10 7.74
N GLU B 25 -17.08 0.76 6.82
CA GLU B 25 -16.05 -0.24 7.06
C GLU B 25 -14.81 0.05 6.23
N LEU B 26 -13.66 -0.34 6.77
CA LEU B 26 -12.39 -0.16 6.12
C LEU B 26 -12.27 -1.24 5.04
N LEU B 27 -12.23 -0.82 3.78
CA LEU B 27 -12.12 -1.77 2.68
C LEU B 27 -10.70 -2.19 2.35
N CYS B 28 -9.79 -1.20 2.27
CA CYS B 28 -8.43 -1.48 1.86
C CYS B 28 -7.53 -0.28 2.15
N GLY B 29 -6.23 -0.45 1.88
CA GLY B 29 -5.26 0.62 2.02
C GLY B 29 -5.13 1.16 0.61
N ALA B 30 -4.31 2.20 0.45
CA ALA B 30 -4.12 2.82 -0.85
C ALA B 30 -3.00 3.84 -0.63
N SER B 31 -2.55 4.53 -1.67
CA SER B 31 -1.47 5.48 -1.50
C SER B 31 -1.66 6.73 -2.35
N LEU B 32 -1.18 7.86 -1.84
CA LEU B 32 -1.32 9.13 -2.51
C LEU B 32 -0.11 9.35 -3.42
N ILE B 33 -0.33 9.45 -4.73
CA ILE B 33 0.78 9.65 -5.66
C ILE B 33 0.87 11.07 -6.24
N SER B 34 -0.15 11.89 -5.96
CA SER B 34 -0.16 13.29 -6.39
C SER B 34 -1.32 13.97 -5.67
N ASP B 35 -1.55 15.25 -5.96
CA ASP B 35 -2.63 15.97 -5.30
C ASP B 35 -4.03 15.47 -5.62
N ARG B 36 -4.18 14.70 -6.70
CA ARG B 36 -5.50 14.19 -7.07
C ARG B 36 -5.56 12.75 -7.56
N TRP B 37 -4.47 12.00 -7.41
CA TRP B 37 -4.43 10.59 -7.85
C TRP B 37 -4.05 9.61 -6.74
N VAL B 38 -4.87 8.58 -6.57
CA VAL B 38 -4.65 7.56 -5.56
C VAL B 38 -4.45 6.19 -6.24
N LEU B 39 -3.47 5.44 -5.77
CA LEU B 39 -3.16 4.12 -6.33
C LEU B 39 -3.59 3.01 -5.35
N THR B 40 -4.22 1.95 -5.85
CA THR B 40 -4.66 0.84 -4.99
C THR B 40 -4.71 -0.48 -5.80
N ALA B 41 -5.11 -1.56 -5.16
CA ALA B 41 -5.21 -2.86 -5.84
C ALA B 41 -6.56 -2.92 -6.54
N ALA B 42 -6.60 -3.43 -7.76
CA ALA B 42 -7.87 -3.52 -8.50
C ALA B 42 -8.90 -4.38 -7.78
N HIS B 43 -8.47 -5.38 -7.02
CA HIS B 43 -9.42 -6.25 -6.33
C HIS B 43 -10.16 -5.59 -5.16
N CYS B 44 -9.69 -4.41 -4.75
CA CYS B 44 -10.34 -3.68 -3.66
C CYS B 44 -11.66 -3.13 -4.15
N LEU B 45 -11.75 -2.94 -5.46
CA LEU B 45 -12.92 -2.38 -6.11
C LEU B 45 -13.73 -3.39 -6.92
N LEU B 46 -13.04 -4.34 -7.56
CA LEU B 46 -13.71 -5.33 -8.39
C LEU B 46 -13.19 -6.73 -8.14
N TYR B 47 -14.08 -7.60 -7.65
CA TYR B 47 -13.74 -9.00 -7.39
C TYR B 47 -15.04 -9.84 -7.40
N PRO B 48 -15.52 -10.20 -8.62
CA PRO B 48 -16.75 -10.99 -8.81
C PRO B 48 -16.89 -12.23 -7.94
N PRO B 49 -15.81 -13.00 -7.71
CA PRO B 49 -15.96 -14.18 -6.85
C PRO B 49 -16.55 -13.90 -5.46
N TRP B 50 -16.38 -12.67 -4.96
CA TRP B 50 -16.91 -12.28 -3.65
C TRP B 50 -18.03 -11.26 -3.79
N ASP B 51 -18.52 -11.11 -5.03
CA ASP B 51 -19.58 -10.18 -5.38
C ASP B 51 -19.20 -8.71 -5.13
N LYS B 52 -17.91 -8.40 -5.25
CA LYS B 52 -17.44 -7.03 -5.06
C LYS B 52 -17.30 -6.29 -6.37
N ASN B 53 -17.97 -5.16 -6.49
CA ASN B 53 -17.92 -4.32 -7.69
C ASN B 53 -18.35 -2.91 -7.30
N PHE B 54 -17.44 -2.19 -6.65
CA PHE B 54 -17.69 -0.84 -6.20
C PHE B 54 -17.60 0.25 -7.25
N THR B 55 -18.47 1.25 -7.10
CA THR B 55 -18.51 2.40 -7.98
C THR B 55 -18.01 3.61 -7.18
N GLU B 56 -17.66 4.69 -7.86
CA GLU B 56 -17.17 5.89 -7.22
C GLU B 56 -18.02 6.32 -6.02
N ASN B 57 -19.33 6.40 -6.22
CA ASN B 57 -20.22 6.84 -5.17
C ASN B 57 -20.33 5.97 -3.93
N ASP B 58 -19.77 4.77 -3.96
CA ASP B 58 -19.87 3.90 -2.78
C ASP B 58 -18.68 4.08 -1.86
N LEU B 59 -17.75 4.94 -2.25
CA LEU B 59 -16.53 5.09 -1.46
C LEU B 59 -16.07 6.49 -1.05
N LEU B 60 -15.26 6.48 0.01
CA LEU B 60 -14.64 7.66 0.58
C LEU B 60 -13.17 7.33 0.76
N VAL B 61 -12.33 8.33 0.53
CA VAL B 61 -10.90 8.21 0.66
C VAL B 61 -10.51 9.11 1.83
N ARG B 62 -9.91 8.52 2.85
CA ARG B 62 -9.47 9.25 4.03
C ARG B 62 -7.94 9.33 4.01
N ILE B 63 -7.42 10.54 4.03
CA ILE B 63 -5.97 10.77 3.95
C ILE B 63 -5.42 11.50 5.18
N GLY B 64 -4.24 11.10 5.65
CA GLY B 64 -3.62 11.73 6.81
C GLY B 64 -3.93 11.07 8.15
N LYS B 65 -4.44 9.84 8.09
CA LYS B 65 -4.82 9.09 9.29
C LYS B 65 -3.72 8.30 9.98
N HIS B 66 -3.98 8.01 11.25
CA HIS B 66 -3.07 7.23 12.07
C HIS B 66 -3.97 6.24 12.82
N SER B 67 -4.96 6.75 13.54
CA SER B 67 -5.89 5.88 14.27
C SER B 67 -6.78 5.20 13.21
N ARG B 68 -7.08 3.93 13.40
CA ARG B 68 -7.94 3.24 12.44
C ARG B 68 -9.39 3.68 12.48
N THR B 69 -9.97 3.76 13.68
CA THR B 69 -11.39 4.09 13.83
C THR B 69 -11.83 5.53 14.09
N ARG B 70 -11.01 6.26 14.83
CA ARG B 70 -11.31 7.64 15.19
C ARG B 70 -11.36 8.59 14.01
N TYR B 71 -12.23 9.59 14.10
CA TYR B 71 -12.28 10.61 13.08
C TYR B 71 -11.28 11.66 13.58
N GLU B 72 -10.11 11.72 12.95
CA GLU B 72 -9.05 12.61 13.35
C GLU B 72 -9.21 14.08 12.93
N ARG B 73 -10.01 14.79 13.70
CA ARG B 73 -10.35 16.18 13.47
C ARG B 73 -9.11 17.07 13.33
N ASN B 74 -9.13 17.92 12.30
CA ASN B 74 -8.05 18.86 11.97
C ASN B 74 -6.78 18.19 11.39
N ILE B 75 -6.78 16.86 11.26
CA ILE B 75 -5.61 16.14 10.73
C ILE B 75 -5.94 15.42 9.41
N GLU B 76 -6.88 14.48 9.45
CA GLU B 76 -7.23 13.75 8.23
C GLU B 76 -8.15 14.55 7.32
N LYS B 77 -8.08 14.30 6.02
CA LYS B 77 -8.93 14.95 5.05
C LYS B 77 -9.68 13.82 4.33
N ILE B 78 -10.91 14.11 3.92
CA ILE B 78 -11.74 13.13 3.23
C ILE B 78 -12.03 13.63 1.83
N SER B 79 -11.92 12.75 0.85
CA SER B 79 -12.19 13.13 -0.51
C SER B 79 -13.12 12.10 -1.12
N MET B 80 -13.79 12.51 -2.20
CA MET B 80 -14.70 11.63 -2.90
C MET B 80 -14.11 11.38 -4.26
N LEU B 81 -14.52 10.29 -4.90
CA LEU B 81 -13.97 9.95 -6.20
C LEU B 81 -14.70 10.51 -7.39
N GLU B 82 -13.93 10.96 -8.37
CA GLU B 82 -14.47 11.49 -9.60
C GLU B 82 -14.51 10.33 -10.60
N LYS B 83 -13.49 9.48 -10.56
CA LYS B 83 -13.43 8.33 -11.47
C LYS B 83 -12.44 7.25 -11.03
N ILE B 84 -12.82 6.00 -11.31
CA ILE B 84 -12.01 4.81 -11.01
C ILE B 84 -11.48 4.21 -12.32
N TYR B 85 -10.22 3.80 -12.34
CA TYR B 85 -9.59 3.19 -13.50
C TYR B 85 -8.95 1.86 -13.12
N ILE B 86 -9.51 0.78 -13.62
CA ILE B 86 -8.99 -0.57 -13.34
C ILE B 86 -8.17 -0.97 -14.57
N HIS B 87 -7.07 -1.69 -14.37
CA HIS B 87 -6.26 -2.13 -15.50
C HIS B 87 -7.16 -3.03 -16.38
N PRO B 88 -7.24 -2.75 -17.69
CA PRO B 88 -8.07 -3.55 -18.58
C PRO B 88 -7.76 -5.05 -18.62
N ARG B 89 -6.55 -5.44 -18.29
CA ARG B 89 -6.16 -6.85 -18.30
C ARG B 89 -5.95 -7.46 -16.91
N TYR B 90 -6.59 -6.83 -15.93
CA TYR B 90 -6.56 -7.28 -14.54
C TYR B 90 -7.23 -8.68 -14.61
N ASN B 91 -6.56 -9.69 -14.07
CA ASN B 91 -7.06 -11.07 -14.09
C ASN B 91 -7.61 -11.56 -12.74
N TRP B 92 -8.87 -11.27 -12.50
CA TRP B 92 -9.51 -11.70 -11.25
C TRP B 92 -9.94 -13.17 -11.29
N ARG B 93 -10.02 -13.72 -12.49
CA ARG B 93 -10.43 -15.11 -12.64
C ARG B 93 -9.41 -16.11 -12.17
N GLU B 94 -8.13 -15.83 -12.38
CA GLU B 94 -7.11 -16.78 -12.00
C GLU B 94 -6.10 -16.45 -10.90
N ASN B 95 -5.26 -15.45 -11.12
CA ASN B 95 -4.20 -15.16 -10.17
C ASN B 95 -4.01 -13.71 -9.74
N LEU B 96 -5.01 -12.86 -10.00
CA LEU B 96 -4.95 -11.42 -9.66
C LEU B 96 -3.80 -10.73 -10.40
N ASP B 97 -3.49 -11.21 -11.60
CA ASP B 97 -2.43 -10.64 -12.40
C ASP B 97 -2.84 -9.20 -12.75
N ARG B 98 -1.88 -8.26 -12.72
CA ARG B 98 -2.15 -6.84 -13.02
C ARG B 98 -3.21 -6.28 -12.07
N ASP B 99 -3.02 -6.56 -10.78
CA ASP B 99 -3.93 -6.13 -9.73
C ASP B 99 -3.63 -4.66 -9.39
N ILE B 100 -4.07 -3.73 -10.24
CA ILE B 100 -3.79 -2.31 -10.03
C ILE B 100 -4.95 -1.44 -10.51
N ALA B 101 -5.18 -0.34 -9.79
CA ALA B 101 -6.23 0.59 -10.12
C ALA B 101 -5.84 1.99 -9.68
N LEU B 102 -6.27 2.98 -10.46
CA LEU B 102 -6.06 4.38 -10.16
C LEU B 102 -7.42 4.98 -9.83
N MET B 103 -7.43 5.97 -8.96
CA MET B 103 -8.65 6.65 -8.55
C MET B 103 -8.41 8.17 -8.60
N LYS B 104 -9.19 8.90 -9.40
CA LYS B 104 -9.02 10.34 -9.51
C LYS B 104 -9.91 11.01 -8.47
N LEU B 105 -9.33 11.88 -7.65
CA LEU B 105 -10.09 12.59 -6.62
C LEU B 105 -10.90 13.75 -7.16
N LYS B 106 -12.05 14.01 -6.53
CA LYS B 106 -12.93 15.09 -6.92
C LYS B 106 -12.23 16.44 -6.92
N LYS B 107 -11.50 16.71 -5.85
CA LYS B 107 -10.76 17.95 -5.71
C LYS B 107 -9.37 17.64 -5.19
N PRO B 108 -8.36 18.42 -5.61
CA PRO B 108 -7.00 18.16 -5.13
C PRO B 108 -6.95 18.27 -3.61
N VAL B 109 -6.11 17.44 -3.00
CA VAL B 109 -5.97 17.44 -1.55
C VAL B 109 -4.79 18.35 -1.25
N ALA B 110 -4.87 19.07 -0.14
CA ALA B 110 -3.79 19.95 0.27
C ALA B 110 -2.85 19.16 1.15
N PHE B 111 -1.55 19.30 0.88
CA PHE B 111 -0.53 18.60 1.63
C PHE B 111 -0.35 19.23 2.99
N SER B 112 0.23 18.47 3.92
CA SER B 112 0.46 18.95 5.27
C SER B 112 1.56 18.08 5.84
N ASP B 113 1.82 18.19 7.14
CA ASP B 113 2.84 17.39 7.78
C ASP B 113 2.47 15.88 7.71
N TYR B 114 1.18 15.61 7.58
CA TYR B 114 0.66 14.25 7.58
C TYR B 114 0.21 13.69 6.23
N ILE B 115 0.18 14.55 5.20
CA ILE B 115 -0.28 14.17 3.87
C ILE B 115 0.77 14.62 2.86
N HIS B 116 1.39 13.66 2.19
CA HIS B 116 2.43 13.96 1.19
C HIS B 116 2.55 12.76 0.24
N PRO B 117 2.63 13.01 -1.08
CA PRO B 117 2.74 11.86 -1.99
C PRO B 117 4.06 11.11 -1.99
N VAL B 118 3.98 9.87 -2.47
CA VAL B 118 5.15 9.00 -2.61
C VAL B 118 5.59 9.08 -4.09
N CYS B 119 6.85 8.74 -4.38
CA CYS B 119 7.35 8.74 -5.75
C CYS B 119 7.12 7.37 -6.42
N LEU B 120 6.91 7.40 -7.74
CA LEU B 120 6.74 6.18 -8.53
C LEU B 120 8.12 5.96 -9.13
N PRO B 121 8.63 4.72 -9.08
CA PRO B 121 9.94 4.41 -9.62
C PRO B 121 10.14 4.60 -11.13
N ASP B 122 11.40 4.83 -11.49
CA ASP B 122 11.81 4.98 -12.88
C ASP B 122 12.61 3.70 -13.12
N ARG B 123 12.84 3.34 -14.37
CA ARG B 123 13.59 2.13 -14.70
C ARG B 123 14.87 1.95 -13.90
N GLU B 124 15.62 3.03 -13.74
CA GLU B 124 16.88 2.97 -13.00
C GLU B 124 16.68 2.61 -11.54
N THR B 125 15.73 3.28 -10.89
CA THR B 125 15.44 3.05 -9.48
C THR B 125 14.88 1.62 -9.29
N ALA B 126 14.01 1.20 -10.20
CA ALA B 126 13.43 -0.14 -10.13
C ALA B 126 14.55 -1.17 -10.24
N ALA B 127 15.44 -0.97 -11.20
CA ALA B 127 16.55 -1.91 -11.42
C ALA B 127 17.53 -2.03 -10.26
N SER B 128 17.89 -0.90 -9.66
CA SER B 128 18.84 -0.94 -8.56
C SER B 128 18.27 -1.38 -7.22
N LEU B 129 16.97 -1.15 -7.00
CA LEU B 129 16.38 -1.50 -5.73
C LEU B 129 15.61 -2.79 -5.64
N LEU B 130 15.00 -3.23 -6.73
CA LEU B 130 14.22 -4.46 -6.71
C LEU B 130 15.10 -5.69 -6.82
N GLN B 131 15.72 -6.07 -5.72
CA GLN B 131 16.61 -7.22 -5.69
C GLN B 131 16.38 -8.04 -4.44
N ALA B 132 16.51 -9.36 -4.58
CA ALA B 132 16.31 -10.27 -3.47
C ALA B 132 17.22 -9.89 -2.31
N GLY B 133 16.66 -9.86 -1.11
CA GLY B 133 17.46 -9.49 0.05
C GLY B 133 17.24 -8.05 0.48
N TYR B 134 16.92 -7.16 -0.46
CA TYR B 134 16.68 -5.77 -0.13
C TYR B 134 15.32 -5.66 0.56
N LYS B 135 15.25 -4.84 1.60
CA LYS B 135 14.02 -4.68 2.33
C LYS B 135 13.18 -3.49 1.95
N GLY B 136 11.87 -3.70 1.96
CA GLY B 136 10.92 -2.66 1.68
C GLY B 136 10.06 -2.54 2.93
N ARG B 137 9.10 -1.62 2.92
CA ARG B 137 8.25 -1.38 4.09
C ARG B 137 6.81 -1.45 3.65
N VAL B 138 5.99 -2.17 4.42
CA VAL B 138 4.57 -2.28 4.12
C VAL B 138 3.81 -1.66 5.29
N THR B 139 2.71 -1.00 5.02
CA THR B 139 1.93 -0.37 6.10
C THR B 139 0.45 -0.65 5.89
N GLY B 140 -0.32 -0.68 6.97
CA GLY B 140 -1.74 -0.90 6.83
C GLY B 140 -2.48 -1.09 8.15
N TRP B 141 -3.81 -1.08 8.08
CA TRP B 141 -4.64 -1.24 9.26
C TRP B 141 -5.33 -2.59 9.24
N GLY B 142 -4.75 -3.54 8.51
CA GLY B 142 -5.34 -4.87 8.41
C GLY B 142 -5.12 -5.75 9.64
N ASN B 143 -5.61 -6.98 9.54
CA ASN B 143 -5.50 -7.96 10.61
C ASN B 143 -4.10 -8.10 11.19
N LEU B 144 -4.06 -8.24 12.51
CA LEU B 144 -2.82 -8.41 13.25
C LEU B 144 -2.46 -9.89 13.29
N LYS B 145 -3.42 -10.73 12.93
CA LYS B 145 -3.22 -12.18 12.94
C LYS B 145 -4.10 -12.82 11.89
N GLU B 146 -3.77 -14.04 11.52
CA GLU B 146 -4.56 -14.80 10.56
C GLU B 146 -5.83 -15.24 11.31
N THR B 147 -5.68 -15.80 12.43
N GLY B 155 -7.16 -8.73 16.92
CA GLY B 155 -7.94 -8.57 15.67
C GLY B 155 -7.34 -7.51 14.76
N GLN B 156 -7.88 -6.30 14.83
CA GLN B 156 -7.39 -5.17 14.06
C GLN B 156 -6.70 -4.21 15.03
N PRO B 157 -5.69 -3.46 14.55
CA PRO B 157 -4.96 -2.52 15.41
C PRO B 157 -5.70 -1.21 15.62
N SER B 158 -5.29 -0.46 16.65
CA SER B 158 -5.91 0.83 16.92
C SER B 158 -5.30 1.93 16.05
N VAL B 159 -4.05 1.73 15.64
CA VAL B 159 -3.37 2.71 14.79
C VAL B 159 -2.58 1.98 13.71
N LEU B 160 -2.15 2.75 12.70
CA LEU B 160 -1.37 2.23 11.57
C LEU B 160 -0.18 1.38 12.00
N GLN B 161 -0.03 0.22 11.35
CA GLN B 161 1.06 -0.70 11.64
C GLN B 161 2.08 -0.66 10.50
N VAL B 162 3.33 -0.98 10.83
CA VAL B 162 4.37 -0.97 9.82
C VAL B 162 5.25 -2.19 10.00
N VAL B 163 5.75 -2.74 8.91
CA VAL B 163 6.67 -3.88 8.98
C VAL B 163 7.65 -3.80 7.80
N ASN B 164 8.92 -4.06 8.05
CA ASN B 164 9.94 -4.04 6.98
C ASN B 164 10.19 -5.50 6.58
N LEU B 165 10.14 -5.77 5.27
CA LEU B 165 10.32 -7.14 4.77
C LEU B 165 11.27 -7.22 3.57
N PRO B 166 12.04 -8.32 3.47
CA PRO B 166 12.98 -8.50 2.37
C PRO B 166 12.34 -9.11 1.12
N ILE B 167 12.74 -8.63 -0.04
CA ILE B 167 12.25 -9.13 -1.33
C ILE B 167 12.86 -10.53 -1.51
N VAL B 168 12.05 -11.48 -1.99
CA VAL B 168 12.47 -12.88 -2.16
C VAL B 168 12.73 -13.22 -3.63
N GLU B 169 13.71 -14.09 -3.88
CA GLU B 169 14.04 -14.49 -5.24
C GLU B 169 12.81 -15.15 -5.87
N ARG B 170 12.60 -14.88 -7.16
CA ARG B 170 11.46 -15.40 -7.92
C ARG B 170 11.24 -16.93 -7.84
N PRO B 171 12.32 -17.74 -7.90
CA PRO B 171 12.20 -19.22 -7.82
C PRO B 171 11.53 -19.64 -6.51
N VAL B 172 12.00 -19.03 -5.43
CA VAL B 172 11.47 -19.28 -4.10
C VAL B 172 10.00 -18.89 -4.04
N CYS B 173 9.63 -17.76 -4.65
CA CYS B 173 8.24 -17.36 -4.64
C CYS B 173 7.39 -18.37 -5.40
N LYS B 174 7.88 -18.80 -6.57
CA LYS B 174 7.13 -19.77 -7.38
C LYS B 174 6.89 -21.11 -6.68
N ASP B 175 7.94 -21.65 -6.10
CA ASP B 175 7.88 -22.95 -5.43
C ASP B 175 7.14 -22.96 -4.09
N SER B 176 6.63 -21.81 -3.65
CA SER B 176 5.92 -21.76 -2.37
C SER B 176 4.40 -21.83 -2.52
N THR B 177 3.91 -21.81 -3.77
CA THR B 177 2.48 -21.78 -4.00
C THR B 177 2.09 -22.53 -5.26
N ARG B 178 0.81 -22.83 -5.40
CA ARG B 178 0.31 -23.52 -6.57
C ARG B 178 -0.22 -22.53 -7.56
N ILE B 179 -0.33 -21.28 -7.12
CA ILE B 179 -0.83 -20.22 -7.99
C ILE B 179 0.22 -19.88 -9.07
N ARG B 180 -0.24 -19.64 -10.28
CA ARG B 180 0.67 -19.28 -11.36
C ARG B 180 1.11 -17.82 -11.15
N ILE B 181 2.39 -17.60 -10.84
CA ILE B 181 2.83 -16.22 -10.63
C ILE B 181 3.38 -15.62 -11.93
N THR B 182 3.17 -14.32 -12.10
CA THR B 182 3.60 -13.64 -13.32
C THR B 182 4.72 -12.62 -13.10
N ASP B 183 5.19 -12.00 -14.18
CA ASP B 183 6.25 -11.00 -14.08
C ASP B 183 5.70 -9.73 -13.42
N ASN B 184 4.38 -9.62 -13.32
CA ASN B 184 3.74 -8.45 -12.74
C ASN B 184 3.56 -8.54 -11.24
N MET B 185 4.23 -9.48 -10.60
CA MET B 185 4.14 -9.64 -9.14
C MET B 185 5.51 -9.97 -8.61
N PHE B 186 5.72 -9.74 -7.32
CA PHE B 186 6.94 -10.12 -6.69
C PHE B 186 6.51 -10.51 -5.28
N CYS B 187 7.31 -11.30 -4.57
CA CYS B 187 6.92 -11.68 -3.22
C CYS B 187 7.96 -11.23 -2.22
N ALA B 188 7.55 -11.09 -0.97
CA ALA B 188 8.43 -10.64 0.10
C ALA B 188 8.13 -11.29 1.45
N GLY B 189 9.15 -11.39 2.28
CA GLY B 189 8.98 -11.96 3.60
C GLY B 189 10.21 -12.70 3.99
N TYR B 190 10.28 -13.08 5.25
CA TYR B 190 11.42 -13.83 5.72
C TYR B 190 11.18 -15.33 5.49
N LYS B 191 12.28 -16.06 5.29
CA LYS B 191 12.26 -17.50 5.09
C LYS B 191 12.18 -18.11 6.48
N PRO B 192 11.67 -19.35 6.58
CA PRO B 192 11.53 -20.06 7.87
C PRO B 192 12.68 -20.04 8.86
N ASP B 193 13.92 -20.05 8.41
CA ASP B 193 15.04 -20.06 9.36
C ASP B 193 15.67 -18.70 9.67
N GLU B 194 15.30 -17.66 8.92
CA GLU B 194 15.86 -16.31 9.12
C GLU B 194 15.63 -15.71 10.52
N GLY B 195 14.75 -16.31 11.30
CA GLY B 195 14.52 -15.81 12.65
C GLY B 195 13.53 -14.69 12.80
N LYS B 196 13.31 -13.90 11.76
CA LYS B 196 12.36 -12.80 11.83
C LYS B 196 11.11 -13.22 11.10
N ARG B 197 9.99 -12.57 11.43
CA ARG B 197 8.70 -12.83 10.85
C ARG B 197 8.04 -11.52 10.42
N GLY B 198 6.82 -11.61 9.91
CA GLY B 198 6.09 -10.44 9.51
C GLY B 198 5.42 -10.62 8.18
N ASP B 199 4.30 -9.98 7.98
CA ASP B 199 3.57 -10.10 6.73
C ASP B 199 2.44 -9.09 6.73
N ALA B 200 1.83 -8.89 5.58
CA ALA B 200 0.66 -8.06 5.44
C ALA B 200 -0.44 -9.12 5.72
N CYS B 201 -1.70 -8.74 5.78
CA CYS B 201 -2.77 -9.71 6.03
C CYS B 201 -4.04 -9.07 5.49
N GLU B 202 -5.18 -9.76 5.55
CA GLU B 202 -6.43 -9.21 5.04
C GLU B 202 -6.68 -7.86 5.69
N GLY B 203 -7.11 -6.89 4.89
CA GLY B 203 -7.34 -5.54 5.36
C GLY B 203 -6.20 -4.64 4.91
N ASP B 204 -5.04 -5.22 4.59
CA ASP B 204 -3.85 -4.50 4.13
C ASP B 204 -3.82 -4.29 2.61
N SER B 205 -4.65 -5.04 1.89
CA SER B 205 -4.74 -4.93 0.42
C SER B 205 -4.76 -3.50 -0.07
N GLY B 206 -4.09 -3.24 -1.20
CA GLY B 206 -4.06 -1.92 -1.77
C GLY B 206 -3.00 -1.02 -1.19
N GLY B 207 -2.46 -1.37 -0.03
CA GLY B 207 -1.44 -0.55 0.58
C GLY B 207 -0.09 -0.58 -0.12
N PRO B 208 0.75 0.43 0.16
CA PRO B 208 2.08 0.49 -0.47
C PRO B 208 3.19 -0.34 0.13
N PHE B 209 4.08 -0.82 -0.74
CA PHE B 209 5.29 -1.53 -0.31
C PHE B 209 6.28 -0.45 -0.81
N VAL B 210 7.03 0.18 0.09
CA VAL B 210 7.94 1.25 -0.33
C VAL B 210 9.38 1.00 0.04
N MET B 211 10.26 1.69 -0.65
CA MET B 211 11.68 1.57 -0.38
C MET B 211 12.28 2.96 -0.44
N LYS B 212 13.27 3.23 0.41
CA LYS B 212 13.90 4.55 0.42
C LYS B 212 15.16 4.51 -0.42
N SER B 213 15.18 5.31 -1.47
CA SER B 213 16.35 5.35 -2.32
C SER B 213 17.60 5.90 -1.60
N PRO B 214 18.71 5.15 -1.64
CA PRO B 214 19.94 5.60 -0.99
C PRO B 214 20.70 6.63 -1.86
N PHE B 215 20.20 6.85 -3.08
CA PHE B 215 20.80 7.80 -4.01
C PHE B 215 20.31 9.22 -3.83
N ASN B 216 19.00 9.37 -3.64
CA ASN B 216 18.44 10.70 -3.51
C ASN B 216 17.59 10.86 -2.25
N ASN B 217 17.62 9.86 -1.40
CA ASN B 217 16.87 9.89 -0.13
C ASN B 217 15.35 9.97 -0.23
N ARG B 218 14.78 9.61 -1.37
CA ARG B 218 13.33 9.68 -1.51
C ARG B 218 12.71 8.31 -1.34
N TRP B 219 11.44 8.29 -0.96
CA TRP B 219 10.69 7.05 -0.79
C TRP B 219 9.95 6.77 -2.08
N TYR B 220 10.10 5.55 -2.60
CA TYR B 220 9.47 5.13 -3.84
C TYR B 220 8.49 3.97 -3.59
N GLN B 221 7.37 3.94 -4.29
CA GLN B 221 6.43 2.82 -4.14
C GLN B 221 6.75 1.75 -5.19
N MET B 222 7.28 0.63 -4.73
CA MET B 222 7.64 -0.48 -5.62
C MET B 222 6.51 -1.50 -5.73
N GLY B 223 5.65 -1.59 -4.71
CA GLY B 223 4.58 -2.57 -4.76
C GLY B 223 3.27 -2.16 -4.14
N ILE B 224 2.26 -2.99 -4.40
CA ILE B 224 0.91 -2.79 -3.86
C ILE B 224 0.56 -4.15 -3.21
N VAL B 225 0.11 -4.13 -1.94
CA VAL B 225 -0.30 -5.38 -1.26
C VAL B 225 -1.39 -6.02 -2.10
N SER B 226 -1.12 -7.25 -2.56
CA SER B 226 -2.07 -7.94 -3.43
C SER B 226 -2.70 -9.18 -2.79
N TRP B 227 -1.91 -10.21 -2.55
CA TRP B 227 -2.46 -11.45 -2.00
C TRP B 227 -1.48 -12.28 -1.23
N GLY B 228 -2.02 -13.35 -0.66
CA GLY B 228 -1.23 -14.30 0.11
C GLY B 228 -2.13 -15.47 0.47
N GLU B 229 -1.58 -16.47 1.12
CA GLU B 229 -2.35 -17.64 1.52
C GLU B 229 -2.09 -17.75 3.00
N GLY B 230 -3.03 -17.28 3.79
CA GLY B 230 -2.84 -17.26 5.22
C GLY B 230 -2.04 -15.97 5.47
N CYS B 231 -1.46 -15.84 6.65
CA CYS B 231 -0.66 -14.65 6.98
C CYS B 231 0.48 -15.09 7.85
N ASP B 232 1.68 -14.68 7.48
CA ASP B 232 2.87 -14.99 8.24
C ASP B 232 3.13 -16.49 8.43
N ARG B 233 2.64 -17.33 7.52
CA ARG B 233 2.87 -18.77 7.62
C ARG B 233 4.29 -19.10 7.21
N ASP B 234 4.91 -20.07 7.88
CA ASP B 234 6.26 -20.48 7.52
C ASP B 234 6.27 -21.03 6.10
N GLY B 235 7.31 -20.67 5.34
CA GLY B 235 7.44 -21.15 3.98
C GLY B 235 6.49 -20.49 2.99
N LYS B 236 5.72 -19.52 3.44
CA LYS B 236 4.77 -18.79 2.60
C LYS B 236 5.17 -17.30 2.53
N TYR B 237 4.81 -16.62 1.44
CA TYR B 237 5.20 -15.22 1.26
C TYR B 237 4.06 -14.32 0.78
N GLY B 238 4.17 -13.03 1.09
CA GLY B 238 3.14 -12.12 0.62
C GLY B 238 3.48 -11.74 -0.82
N PHE B 239 2.45 -11.54 -1.65
CA PHE B 239 2.62 -11.16 -3.04
C PHE B 239 2.15 -9.73 -3.26
N TYR B 240 2.89 -9.01 -4.08
CA TYR B 240 2.59 -7.61 -4.34
C TYR B 240 2.58 -7.32 -5.82
N THR B 241 1.76 -6.38 -6.24
CA THR B 241 1.73 -5.98 -7.64
C THR B 241 3.04 -5.21 -7.94
N HIS B 242 3.68 -5.55 -9.05
CA HIS B 242 4.94 -4.93 -9.49
C HIS B 242 4.60 -3.58 -10.12
N VAL B 243 4.75 -2.51 -9.34
CA VAL B 243 4.38 -1.18 -9.83
C VAL B 243 5.13 -0.73 -11.07
N PHE B 244 6.45 -0.89 -11.07
CA PHE B 244 7.18 -0.45 -12.26
C PHE B 244 6.75 -1.12 -13.56
N ARG B 245 6.45 -2.42 -13.50
CA ARG B 245 6.02 -3.17 -14.69
C ARG B 245 4.75 -2.62 -15.30
N LEU B 246 3.97 -1.91 -14.51
CA LEU B 246 2.72 -1.36 -14.97
C LEU B 246 2.73 0.16 -15.05
N LYS B 247 3.91 0.77 -14.93
CA LYS B 247 3.99 2.22 -14.94
C LYS B 247 3.51 2.84 -16.25
N LYS B 248 3.74 2.15 -17.37
CA LYS B 248 3.28 2.67 -18.66
C LYS B 248 1.79 2.87 -18.62
N TRP B 249 1.07 1.93 -18.02
CA TRP B 249 -0.38 2.04 -17.94
C TRP B 249 -0.74 3.20 -17.00
N ILE B 250 0.03 3.36 -15.94
CA ILE B 250 -0.22 4.42 -14.98
C ILE B 250 -0.10 5.78 -15.67
N GLN B 251 1.03 6.03 -16.31
CA GLN B 251 1.25 7.30 -16.99
C GLN B 251 0.18 7.60 -18.04
N LYS B 252 -0.12 6.61 -18.87
CA LYS B 252 -1.12 6.73 -19.92
C LYS B 252 -2.47 7.22 -19.39
N VAL B 253 -2.89 6.69 -18.25
CA VAL B 253 -4.15 7.08 -17.63
C VAL B 253 -4.07 8.52 -17.14
N ILE B 254 -3.00 8.85 -16.42
CA ILE B 254 -2.83 10.20 -15.90
C ILE B 254 -2.72 11.24 -17.01
N ASP B 255 -2.08 10.89 -18.12
CA ASP B 255 -1.94 11.82 -19.23
C ASP B 255 -3.27 12.06 -19.93
N GLN B 256 -4.03 10.99 -20.13
CA GLN B 256 -5.31 11.09 -20.80
C GLN B 256 -6.41 11.72 -19.97
N PHE B 257 -6.33 11.57 -18.65
CA PHE B 257 -7.38 12.09 -17.78
C PHE B 257 -6.93 13.15 -16.78
N PRO C 2 -7.19 -12.75 -1.91
CA PRO C 2 -7.05 -11.28 -1.91
C PRO C 2 -6.99 -10.75 -0.51
N GLY C 4 -12.73 -6.41 5.71
CA GLY C 4 -12.88 -5.15 6.42
C GLY C 4 -12.61 -5.08 7.91
N GLY C 5 -12.87 -6.15 8.64
CA GLY C 5 -12.63 -6.17 10.07
C GLY C 5 -13.89 -5.82 10.82
N GLY C 6 -14.34 -4.57 10.66
CA GLY C 6 -15.56 -4.11 11.30
C GLY C 6 -15.42 -3.55 12.70
N GLY C 7 -14.19 -3.43 13.22
CA GLY C 7 -13.99 -2.89 14.55
C GLY C 7 -14.39 -1.45 14.56
N ASP C 8 -15.70 -1.23 14.53
CA ASP C 8 -16.32 0.07 14.44
C ASP C 8 -15.71 1.44 14.70
N TYR C 9 -16.03 2.27 13.73
CA TYR C 9 -15.57 3.64 13.58
C TYR C 9 -16.42 4.76 14.13
N GLU C 10 -15.76 5.89 14.35
CA GLU C 10 -16.37 7.10 14.85
C GLU C 10 -16.99 7.79 13.64
N PRO C 11 -18.22 8.27 13.78
CA PRO C 11 -18.93 8.94 12.68
C PRO C 11 -18.17 10.12 12.09
N ILE C 12 -18.35 10.31 10.79
CA ILE C 12 -17.69 11.40 10.08
C ILE C 12 -18.66 12.56 9.94
N PRO C 13 -18.31 13.73 10.52
CA PRO C 13 -19.15 14.94 10.45
C PRO C 13 -19.37 15.45 9.03
N GLU C 14 -20.60 15.87 8.75
CA GLU C 14 -20.96 16.36 7.44
C GLU C 14 -20.08 17.47 6.88
N GLU C 15 -19.56 18.31 7.76
CA GLU C 15 -18.70 19.41 7.34
C GLU C 15 -17.36 18.94 6.80
N ALA C 16 -17.08 17.65 6.94
CA ALA C 16 -15.83 17.07 6.47
C ALA C 16 -15.89 16.59 5.03
#